data_7O9I
#
_entry.id   7O9I
#
_cell.length_a   58.060
_cell.length_b   58.060
_cell.length_c   101.680
_cell.angle_alpha   90.00
_cell.angle_beta   90.00
_cell.angle_gamma   90.00
#
_symmetry.space_group_name_H-M   'P 41'
#
loop_
_entity.id
_entity.type
_entity.pdbx_description
1 polymer 'Signal recognition particle protein'
2 non-polymer "guanosine 5'-(tetrahydrogen triphosphate) 3'-(trihydrogen diphosphate)"
3 water water
#
_entity_poly.entity_id   1
_entity_poly.type   'polypeptide(L)'
_entity_poly.pdbx_seq_one_letter_code
;MGFDNLTDRLSRTLRNISGRGRLTEDNVKDTLREVRMALLEADVALPVVREFINRVKEKAVGHEVNKSLTPGQEFVKIVR
NELVAAMGEENQTLNLAAQPPAVVLMAGLQGAGKTTSVGKLGKFLREKHKKKVLVVSADVYRPAAIKQLETLAEQVGVDF
FPSDVGQKPVDIVNAALKEAKLKFYDVLLVDTAGRLHVDEAMMDEIKQVHASINPVETLFVVDAMTGQDAANTAKAFNEA
LPLTGVVLTKVDGDARGGAALSIRHITGKPIKFLGVGEKTEALEPFHPDRIASRILGMGDHHHHHH
;
_entity_poly.pdbx_strand_id   A
#
# COMPACT_ATOMS: atom_id res chain seq x y z
N LEU A 10 8.57 22.52 -2.42
CA LEU A 10 7.54 21.92 -1.59
C LEU A 10 8.06 21.57 -0.18
N SER A 11 7.76 20.39 0.36
CA SER A 11 8.36 20.02 1.65
C SER A 11 9.87 20.06 1.58
N ARG A 12 10.44 19.76 0.42
CA ARG A 12 11.87 19.97 0.21
C ARG A 12 12.26 21.41 0.54
N THR A 13 11.75 22.38 -0.23
CA THR A 13 12.28 23.75 -0.20
C THR A 13 12.37 24.33 1.21
N LEU A 14 11.26 24.37 1.96
CA LEU A 14 11.34 24.90 3.31
C LEU A 14 12.26 24.06 4.20
N ARG A 15 12.21 22.74 4.07
CA ARG A 15 13.12 21.92 4.87
C ARG A 15 14.58 22.21 4.52
N ASN A 16 14.87 22.65 3.29
CA ASN A 16 16.25 23.01 2.95
C ASN A 16 16.67 24.28 3.66
N ILE A 17 15.74 25.24 3.77
CA ILE A 17 16.09 26.59 4.34
C ILE A 17 16.51 26.43 5.81
N SER A 18 15.98 25.42 6.48
CA SER A 18 16.35 25.15 7.89
C SER A 18 17.28 23.93 7.91
N GLY A 19 17.98 23.65 6.83
CA GLY A 19 18.97 22.55 6.83
C GLY A 19 20.18 22.85 7.70
N ARG A 20 20.75 24.06 7.60
CA ARG A 20 22.00 24.35 8.35
C ARG A 20 21.95 25.72 9.04
N GLY A 21 20.80 26.12 9.56
CA GLY A 21 20.70 27.37 10.34
C GLY A 21 20.84 27.09 11.82
N ARG A 22 21.92 27.55 12.44
CA ARG A 22 22.20 27.21 13.86
C ARG A 22 21.39 28.03 14.86
N LEU A 23 20.50 28.91 14.41
CA LEU A 23 19.81 29.80 15.38
C LEU A 23 18.45 29.23 15.78
N THR A 24 17.65 28.79 14.81
CA THR A 24 16.32 28.22 15.10
C THR A 24 15.50 29.16 15.99
N GLU A 25 15.24 30.38 15.55
CA GLU A 25 14.36 31.30 16.31
C GLU A 25 12.92 30.79 16.23
N ASP A 26 12.05 31.18 17.17
CA ASP A 26 10.67 30.64 17.22
C ASP A 26 9.92 30.98 15.94
N ASN A 27 10.14 32.16 15.39
CA ASN A 27 9.46 32.57 14.14
C ASN A 27 9.89 31.60 13.03
N VAL A 28 11.15 31.22 13.02
CA VAL A 28 11.67 30.28 11.99
C VAL A 28 10.95 28.92 12.14
N LYS A 29 10.76 28.45 13.37
CA LYS A 29 10.03 27.18 13.59
C LYS A 29 8.58 27.33 13.14
N ASP A 30 7.94 28.44 13.48
CA ASP A 30 6.52 28.63 13.15
C ASP A 30 6.36 28.69 11.63
N THR A 31 7.29 29.33 10.96
CA THR A 31 7.20 29.48 9.48
C THR A 31 7.38 28.12 8.83
N LEU A 32 8.36 27.33 9.28
CA LEU A 32 8.63 25.98 8.71
C LEU A 32 7.43 25.09 8.95
N ARG A 33 6.88 25.14 10.15
CA ARG A 33 5.74 24.28 10.51
C ARG A 33 4.51 24.67 9.69
N GLU A 34 4.29 25.96 9.46
CA GLU A 34 3.08 26.39 8.72
C GLU A 34 3.11 25.82 7.30
N VAL A 35 4.25 25.91 6.63
CA VAL A 35 4.32 25.45 5.22
C VAL A 35 4.23 23.91 5.16
N ARG A 36 4.88 23.21 6.08
CA ARG A 36 4.72 21.75 6.13
C ARG A 36 3.26 21.41 6.42
N MET A 37 2.63 22.14 7.34
CA MET A 37 1.18 21.90 7.57
C MET A 37 0.43 22.19 6.28
N ALA A 38 0.72 23.32 5.63
CA ALA A 38 -0.04 23.70 4.43
C ALA A 38 0.21 22.71 3.30
N LEU A 39 1.47 22.34 3.08
CA LEU A 39 1.79 21.40 1.99
C LEU A 39 1.18 20.02 2.30
N LEU A 40 1.27 19.55 3.53
CA LEU A 40 0.64 18.24 3.77
C LEU A 40 -0.86 18.38 3.55
N GLU A 41 -1.48 19.44 4.07
CA GLU A 41 -2.93 19.64 3.94
C GLU A 41 -3.35 19.94 2.51
N ALA A 42 -2.57 20.75 1.80
CA ALA A 42 -3.00 21.18 0.46
C ALA A 42 -2.33 20.32 -0.59
N ASP A 43 -1.04 20.08 -0.43
CA ASP A 43 -0.38 19.32 -1.53
C ASP A 43 -1.14 18.01 -1.59
N VAL A 44 -1.53 17.44 -0.45
CA VAL A 44 -2.36 16.22 -0.52
C VAL A 44 -3.57 16.29 0.39
N ALA A 45 -4.52 15.40 0.17
CA ALA A 45 -5.72 15.39 1.01
C ALA A 45 -5.38 14.63 2.28
N LEU A 46 -4.65 15.28 3.20
CA LEU A 46 -4.32 14.69 4.51
C LEU A 46 -4.89 15.62 5.57
N PRO A 47 -5.72 15.16 6.54
CA PRO A 47 -6.20 16.02 7.64
C PRO A 47 -5.69 15.75 9.06
N VAL A 48 -4.73 14.83 9.22
CA VAL A 48 -4.19 14.44 10.55
C VAL A 48 -2.83 15.11 10.71
N VAL A 49 -2.60 16.17 9.95
CA VAL A 49 -1.32 16.92 10.00
C VAL A 49 -1.14 17.43 11.43
N ARG A 50 -2.24 17.80 12.09
CA ARG A 50 -2.20 18.30 13.48
C ARG A 50 -1.34 17.36 14.36
N GLU A 51 -1.50 16.05 14.21
CA GLU A 51 -0.73 15.07 15.02
C GLU A 51 0.75 15.12 14.65
N PHE A 52 1.05 15.18 13.35
CA PHE A 52 2.47 15.18 12.89
C PHE A 52 3.21 16.42 13.38
N ILE A 53 2.57 17.59 13.28
CA ILE A 53 3.23 18.85 13.69
C ILE A 53 3.45 18.81 15.19
N ASN A 54 2.48 18.29 15.94
CA ASN A 54 2.60 18.26 17.41
C ASN A 54 3.77 17.37 17.81
N ARG A 55 3.91 16.22 17.19
CA ARG A 55 5.00 15.28 17.55
C ARG A 55 6.34 15.94 17.24
N VAL A 56 6.45 16.61 16.10
CA VAL A 56 7.70 17.31 15.70
C VAL A 56 8.00 18.42 16.72
N LYS A 57 6.97 19.16 17.13
CA LYS A 57 7.15 20.26 18.12
C LYS A 57 7.60 19.67 19.46
N GLU A 58 6.97 18.57 19.89
CA GLU A 58 7.30 17.97 21.19
C GLU A 58 8.75 17.48 21.19
N LYS A 59 9.15 16.81 20.12
CA LYS A 59 10.52 16.25 20.03
C LYS A 59 11.55 17.39 20.02
N ALA A 60 11.23 18.49 19.32
CA ALA A 60 12.17 19.62 19.22
C ALA A 60 12.41 20.22 20.60
N VAL A 61 11.37 20.40 21.40
CA VAL A 61 11.54 20.90 22.79
C VAL A 61 12.29 19.86 23.60
N GLY A 62 11.94 18.60 23.45
CA GLY A 62 12.58 17.54 24.26
C GLY A 62 14.05 17.37 23.96
N HIS A 63 14.42 17.46 22.70
CA HIS A 63 15.83 17.17 22.33
C HIS A 63 16.66 18.45 22.40
N GLU A 64 16.03 19.57 22.73
CA GLU A 64 16.76 20.85 22.87
C GLU A 64 17.59 21.09 21.60
N VAL A 65 16.93 21.31 20.47
CA VAL A 65 17.64 21.44 19.17
C VAL A 65 18.68 22.57 19.21
N ASN A 66 18.35 23.70 19.82
CA ASN A 66 19.26 24.88 19.84
C ASN A 66 20.57 24.52 20.54
N LYS A 67 20.50 23.66 21.55
CA LYS A 67 21.71 23.22 22.29
C LYS A 67 22.67 22.54 21.32
N SER A 68 22.14 21.86 20.31
CA SER A 68 23.00 21.08 19.38
C SER A 68 23.87 21.99 18.52
N LEU A 69 24.98 21.46 18.01
CA LEU A 69 25.88 22.21 17.09
C LEU A 69 25.10 22.52 15.81
N THR A 70 24.24 21.60 15.40
CA THR A 70 23.50 21.77 14.12
C THR A 70 21.99 21.71 14.38
N PRO A 71 21.38 22.77 14.95
CA PRO A 71 19.97 22.74 15.30
C PRO A 71 19.00 22.55 14.13
N GLY A 72 19.23 23.23 13.01
CA GLY A 72 18.36 23.04 11.83
C GLY A 72 18.45 21.64 11.30
N GLN A 73 19.65 21.07 11.27
CA GLN A 73 19.81 19.65 10.84
C GLN A 73 19.07 18.75 11.83
N GLU A 74 19.14 19.07 13.12
CA GLU A 74 18.41 18.27 14.13
C GLU A 74 16.90 18.39 13.89
N PHE A 75 16.41 19.60 13.60
CA PHE A 75 14.96 19.82 13.39
C PHE A 75 14.48 19.06 12.16
N VAL A 76 15.26 19.12 11.08
CA VAL A 76 14.87 18.39 9.83
C VAL A 76 14.95 16.89 10.10
N LYS A 77 15.92 16.45 10.90
CA LYS A 77 16.05 15.02 11.23
C LYS A 77 14.79 14.58 11.97
N ILE A 78 14.28 15.44 12.84
CA ILE A 78 13.03 15.13 13.59
C ILE A 78 11.88 15.01 12.59
N VAL A 79 11.81 15.92 11.60
CA VAL A 79 10.71 15.89 10.61
C VAL A 79 10.80 14.61 9.78
N ARG A 80 12.00 14.23 9.38
CA ARG A 80 12.20 13.03 8.54
C ARG A 80 11.85 11.79 9.36
N ASN A 81 12.31 11.74 10.60
CA ASN A 81 12.09 10.55 11.42
C ASN A 81 10.61 10.36 11.76
N GLU A 82 9.88 11.46 11.97
CA GLU A 82 8.45 11.35 12.16
C GLU A 82 7.74 10.99 10.86
N LEU A 83 8.31 11.37 9.73
CA LEU A 83 7.71 11.00 8.42
C LEU A 83 7.96 9.50 8.18
N VAL A 84 9.17 9.04 8.46
CA VAL A 84 9.52 7.61 8.24
C VAL A 84 8.62 6.75 9.13
N ALA A 85 8.44 7.16 10.38
CA ALA A 85 7.59 6.41 11.33
C ALA A 85 6.15 6.41 10.85
N ALA A 86 5.69 7.55 10.34
CA ALA A 86 4.30 7.68 9.86
C ALA A 86 4.07 6.78 8.64
N MET A 87 5.13 6.47 7.89
CA MET A 87 4.98 5.67 6.66
C MET A 87 5.32 4.20 6.91
N GLY A 88 5.55 3.79 8.15
CA GLY A 88 5.78 2.37 8.45
C GLY A 88 7.19 2.02 8.91
N GLU A 89 8.09 2.99 9.01
CA GLU A 89 9.46 2.77 9.55
C GLU A 89 10.37 2.01 8.57
N GLU A 90 10.00 0.79 8.18
CA GLU A 90 10.90 -0.03 7.34
C GLU A 90 10.07 -0.84 6.35
N ASN A 91 10.69 -1.31 5.27
CA ASN A 91 9.98 -2.16 4.30
C ASN A 91 9.54 -3.45 4.97
N GLN A 92 8.29 -3.83 4.76
CA GLN A 92 7.83 -5.13 5.27
C GLN A 92 7.54 -5.95 4.02
N THR A 93 8.09 -7.16 3.94
CA THR A 93 7.98 -7.97 2.72
C THR A 93 6.70 -8.78 2.73
N LEU A 94 6.41 -9.49 1.65
CA LEU A 94 5.28 -10.40 1.71
C LEU A 94 5.54 -11.50 2.74
N ASN A 95 4.46 -12.09 3.24
CA ASN A 95 4.55 -13.12 4.28
C ASN A 95 4.80 -14.47 3.60
N LEU A 96 6.04 -14.67 3.15
CA LEU A 96 6.42 -15.86 2.41
C LEU A 96 7.26 -16.85 3.22
N ALA A 97 7.49 -16.58 4.51
CA ALA A 97 8.30 -17.45 5.34
C ALA A 97 7.48 -18.46 6.11
N ALA A 98 6.20 -18.59 5.81
CA ALA A 98 5.36 -19.62 6.42
C ALA A 98 5.36 -20.84 5.50
N GLN A 99 4.37 -21.72 5.64
CA GLN A 99 4.41 -22.99 4.92
C GLN A 99 3.74 -22.84 3.57
N PRO A 100 4.42 -23.23 2.47
CA PRO A 100 3.76 -23.21 1.19
C PRO A 100 2.56 -24.11 1.18
N PRO A 101 1.51 -23.77 0.41
CA PRO A 101 1.43 -22.55 -0.40
C PRO A 101 1.05 -21.30 0.40
N ALA A 102 1.66 -20.17 0.05
CA ALA A 102 1.25 -18.89 0.59
C ALA A 102 0.09 -18.36 -0.24
N VAL A 103 -1.03 -18.07 0.42
CA VAL A 103 -2.23 -17.57 -0.25
C VAL A 103 -2.29 -16.07 -0.04
N VAL A 104 -2.33 -15.32 -1.13
CA VAL A 104 -2.41 -13.87 -1.12
C VAL A 104 -3.75 -13.45 -1.70
N LEU A 105 -4.58 -12.82 -0.88
CA LEU A 105 -5.90 -12.35 -1.30
C LEU A 105 -5.81 -10.88 -1.66
N MET A 106 -6.30 -10.53 -2.85
CA MET A 106 -6.34 -9.15 -3.32
C MET A 106 -7.73 -8.58 -3.07
N ALA A 107 -7.79 -7.49 -2.33
CA ALA A 107 -9.06 -6.86 -1.96
C ALA A 107 -9.01 -5.38 -2.28
N GLY A 108 -10.13 -4.83 -2.68
CA GLY A 108 -10.21 -3.41 -2.94
C GLY A 108 -11.29 -3.10 -3.96
N LEU A 109 -11.45 -1.80 -4.21
CA LEU A 109 -12.50 -1.34 -5.10
C LEU A 109 -12.15 -1.63 -6.56
N GLN A 110 -13.19 -1.60 -7.39
CA GLN A 110 -13.02 -1.70 -8.83
C GLN A 110 -12.31 -0.45 -9.36
N GLY A 111 -11.32 -0.66 -10.22
CA GLY A 111 -10.51 0.43 -10.74
C GLY A 111 -9.30 0.77 -9.90
N ALA A 112 -9.12 0.13 -8.75
CA ALA A 112 -7.94 0.39 -7.94
C ALA A 112 -6.67 -0.15 -8.60
N GLY A 113 -6.78 -1.28 -9.31
CA GLY A 113 -5.63 -1.86 -9.97
C GLY A 113 -5.33 -3.27 -9.51
N LYS A 114 -6.36 -4.03 -9.15
CA LYS A 114 -6.14 -5.33 -8.54
C LYS A 114 -5.60 -6.34 -9.55
N THR A 115 -6.25 -6.47 -10.70
CA THR A 115 -5.81 -7.47 -11.68
C THR A 115 -4.40 -7.16 -12.18
N THR A 116 -4.11 -5.89 -12.47
CA THR A 116 -2.78 -5.51 -12.90
C THR A 116 -1.75 -5.81 -11.82
N SER A 117 -2.12 -5.61 -10.55
CA SER A 117 -1.17 -5.84 -9.46
C SER A 117 -0.88 -7.32 -9.29
N VAL A 118 -1.85 -8.20 -9.54
CA VAL A 118 -1.59 -9.64 -9.49
C VAL A 118 -0.52 -10.01 -10.51
N GLY A 119 -0.65 -9.50 -11.74
CA GLY A 119 0.39 -9.71 -12.73
C GLY A 119 1.73 -9.14 -12.30
N LYS A 120 1.72 -7.94 -11.72
CA LYS A 120 2.96 -7.34 -11.24
C LYS A 120 3.61 -8.21 -10.16
N LEU A 121 2.80 -8.69 -9.21
CA LEU A 121 3.35 -9.51 -8.13
C LEU A 121 3.82 -10.87 -8.64
N GLY A 122 3.13 -11.43 -9.64
CA GLY A 122 3.61 -12.67 -10.23
C GLY A 122 4.97 -12.51 -10.88
N LYS A 123 5.17 -11.40 -11.62
CA LYS A 123 6.49 -11.13 -12.14
C LYS A 123 7.51 -10.97 -11.02
N PHE A 124 7.16 -10.18 -10.01
CA PHE A 124 8.08 -9.91 -8.91
C PHE A 124 8.44 -11.19 -8.16
N LEU A 125 7.47 -12.09 -8.00
CA LEU A 125 7.71 -13.29 -7.21
C LEU A 125 8.48 -14.34 -8.00
N ARG A 126 8.27 -14.42 -9.32
CA ARG A 126 9.01 -15.40 -10.11
C ARG A 126 10.44 -14.95 -10.37
N GLU A 127 10.62 -13.70 -10.78
CA GLU A 127 11.95 -13.24 -11.16
C GLU A 127 12.85 -13.04 -9.94
N LYS A 128 12.31 -12.43 -8.88
CA LYS A 128 13.17 -12.09 -7.73
C LYS A 128 13.23 -13.23 -6.70
N HIS A 129 12.10 -13.84 -6.35
CA HIS A 129 12.13 -14.86 -5.27
C HIS A 129 12.15 -16.29 -5.83
N LYS A 130 12.22 -16.45 -7.16
CA LYS A 130 12.31 -17.78 -7.79
C LYS A 130 11.19 -18.67 -7.27
N LYS A 131 9.96 -18.16 -7.26
CA LYS A 131 8.84 -18.92 -6.65
C LYS A 131 7.90 -19.47 -7.72
N LYS A 132 7.22 -20.59 -7.45
CA LYS A 132 6.18 -21.13 -8.38
C LYS A 132 4.85 -20.45 -8.00
N VAL A 133 4.17 -19.81 -8.95
CA VAL A 133 2.97 -18.97 -8.60
C VAL A 133 1.69 -19.35 -9.35
N LEU A 134 0.54 -19.41 -8.65
CA LEU A 134 -0.78 -19.68 -9.28
C LEU A 134 -1.54 -18.38 -9.22
N VAL A 135 -2.27 -18.07 -10.28
CA VAL A 135 -3.16 -16.89 -10.22
C VAL A 135 -4.56 -17.42 -10.52
N VAL A 136 -5.55 -17.02 -9.72
CA VAL A 136 -6.96 -17.40 -10.00
C VAL A 136 -7.81 -16.13 -9.89
N SER A 137 -8.87 -16.03 -10.70
CA SER A 137 -9.79 -14.88 -10.62
C SER A 137 -11.15 -15.31 -10.12
N ALA A 138 -11.68 -14.62 -9.12
CA ALA A 138 -13.04 -14.89 -8.62
C ALA A 138 -13.97 -13.77 -9.11
N ASP A 139 -13.52 -12.97 -10.07
CA ASP A 139 -14.35 -11.86 -10.62
C ASP A 139 -15.26 -12.43 -11.69
N VAL A 140 -16.39 -12.98 -11.26
CA VAL A 140 -17.37 -13.57 -12.21
C VAL A 140 -18.41 -12.49 -12.54
N TYR A 141 -18.27 -11.31 -11.94
CA TYR A 141 -19.25 -10.22 -12.14
C TYR A 141 -18.80 -9.26 -13.23
N ARG A 142 -17.55 -8.80 -13.21
CA ARG A 142 -17.01 -7.87 -14.23
C ARG A 142 -16.74 -8.65 -15.53
N PRO A 143 -17.08 -8.12 -16.71
CA PRO A 143 -16.92 -8.87 -17.94
C PRO A 143 -15.47 -8.97 -18.49
N ALA A 144 -15.05 -10.17 -18.91
CA ALA A 144 -13.71 -10.41 -19.51
C ALA A 144 -12.59 -10.36 -18.48
N ALA A 145 -12.91 -10.28 -17.19
CA ALA A 145 -11.89 -10.14 -16.14
C ALA A 145 -11.03 -11.39 -15.97
N ILE A 146 -11.63 -12.57 -16.07
CA ILE A 146 -10.87 -13.84 -15.94
C ILE A 146 -9.86 -13.96 -17.08
N LYS A 147 -10.28 -13.60 -18.29
CA LYS A 147 -9.34 -13.61 -19.44
C LYS A 147 -8.23 -12.58 -19.20
N GLN A 148 -8.57 -11.44 -18.59
CA GLN A 148 -7.56 -10.39 -18.34
C GLN A 148 -6.47 -10.96 -17.43
N LEU A 149 -6.84 -11.71 -16.39
CA LEU A 149 -5.79 -12.35 -15.55
C LEU A 149 -5.03 -13.37 -16.38
N GLU A 150 -5.73 -14.13 -17.21
CA GLU A 150 -5.06 -15.22 -17.97
C GLU A 150 -4.01 -14.60 -18.87
N THR A 151 -4.33 -13.49 -19.53
CA THR A 151 -3.38 -12.83 -20.46
C THR A 151 -2.20 -12.29 -19.66
N LEU A 152 -2.45 -11.70 -18.50
CA LEU A 152 -1.37 -11.16 -17.63
C LEU A 152 -0.46 -12.29 -17.15
N ALA A 153 -1.03 -13.45 -16.84
CA ALA A 153 -0.25 -14.62 -16.38
C ALA A 153 0.72 -15.08 -17.46
N GLU A 154 0.27 -15.11 -18.70
CA GLU A 154 1.14 -15.51 -19.83
C GLU A 154 2.28 -14.50 -19.96
N GLN A 155 1.98 -13.21 -19.79
CA GLN A 155 3.02 -12.16 -19.92
C GLN A 155 4.08 -12.29 -18.82
N VAL A 156 3.67 -12.63 -17.59
CA VAL A 156 4.62 -12.63 -16.44
C VAL A 156 5.16 -14.03 -16.13
N GLY A 157 4.76 -15.04 -16.88
CA GLY A 157 5.31 -16.40 -16.69
C GLY A 157 4.78 -17.12 -15.47
N VAL A 158 3.59 -16.77 -15.00
CA VAL A 158 2.98 -17.51 -13.86
C VAL A 158 1.85 -18.39 -14.36
N ASP A 159 1.53 -19.44 -13.63
CA ASP A 159 0.47 -20.39 -14.03
C ASP A 159 -0.92 -19.82 -13.68
N PHE A 160 -1.94 -20.24 -14.42
CA PHE A 160 -3.31 -19.72 -14.21
C PHE A 160 -4.25 -20.88 -13.90
N PHE A 161 -5.13 -20.70 -12.93
CA PHE A 161 -6.16 -21.73 -12.66
C PHE A 161 -7.44 -21.30 -13.36
N PRO A 162 -8.03 -22.16 -14.20
CA PRO A 162 -9.22 -21.82 -14.94
C PRO A 162 -10.44 -21.49 -14.08
N SER A 163 -11.21 -20.48 -14.48
CA SER A 163 -12.41 -20.05 -13.74
C SER A 163 -13.49 -19.70 -14.76
N ASP A 164 -14.77 -19.81 -14.37
CA ASP A 164 -15.89 -19.48 -15.29
C ASP A 164 -16.96 -18.69 -14.54
N VAL A 165 -17.79 -17.92 -15.27
CA VAL A 165 -18.87 -17.08 -14.67
C VAL A 165 -19.91 -17.97 -13.99
N GLY A 166 -20.08 -19.19 -14.49
CA GLY A 166 -21.02 -20.13 -13.86
C GLY A 166 -20.66 -20.44 -12.43
N GLN A 167 -19.36 -20.54 -12.12
CA GLN A 167 -18.90 -20.91 -10.77
C GLN A 167 -19.15 -19.81 -9.74
N LYS A 168 -19.26 -20.17 -8.47
CA LYS A 168 -19.42 -19.18 -7.37
C LYS A 168 -18.05 -18.89 -6.77
N PRO A 169 -17.70 -17.61 -6.51
CA PRO A 169 -16.38 -17.26 -6.01
C PRO A 169 -15.73 -18.18 -4.96
N VAL A 170 -16.48 -18.60 -3.94
CA VAL A 170 -15.88 -19.41 -2.83
C VAL A 170 -15.43 -20.75 -3.41
N ASP A 171 -16.22 -21.32 -4.30
CA ASP A 171 -15.87 -22.65 -4.87
C ASP A 171 -14.59 -22.50 -5.67
N ILE A 172 -14.45 -21.40 -6.41
CA ILE A 172 -13.25 -21.22 -7.28
C ILE A 172 -11.99 -21.18 -6.42
N VAL A 173 -12.03 -20.45 -5.32
CA VAL A 173 -10.80 -20.29 -4.48
C VAL A 173 -10.42 -21.63 -3.84
N ASN A 174 -11.41 -22.40 -3.39
CA ASN A 174 -11.14 -23.70 -2.73
C ASN A 174 -10.47 -24.66 -3.70
N ALA A 175 -10.96 -24.68 -4.94
CA ALA A 175 -10.38 -25.59 -5.96
C ALA A 175 -8.94 -25.21 -6.31
N ALA A 176 -8.65 -23.92 -6.43
CA ALA A 176 -7.29 -23.45 -6.73
C ALA A 176 -6.35 -23.80 -5.59
N LEU A 177 -6.80 -23.63 -4.36
CA LEU A 177 -5.95 -23.93 -3.19
C LEU A 177 -5.58 -25.41 -3.23
N LYS A 178 -6.51 -26.25 -3.65
CA LYS A 178 -6.23 -27.70 -3.75
C LYS A 178 -5.14 -27.94 -4.78
N GLU A 179 -5.18 -27.26 -5.93
CA GLU A 179 -4.13 -27.39 -6.96
C GLU A 179 -2.80 -26.89 -6.39
N ALA A 180 -2.84 -25.79 -5.65
CA ALA A 180 -1.61 -25.20 -5.11
C ALA A 180 -0.93 -26.16 -4.14
N LYS A 181 -1.71 -26.83 -3.31
CA LYS A 181 -1.15 -27.80 -2.35
C LYS A 181 -0.68 -29.07 -3.08
N LEU A 182 -1.52 -29.61 -3.97
CA LEU A 182 -1.20 -30.87 -4.68
C LEU A 182 0.04 -30.70 -5.56
N LYS A 183 0.22 -29.55 -6.20
CA LYS A 183 1.36 -29.36 -7.14
C LYS A 183 2.50 -28.59 -6.47
N PHE A 184 2.42 -28.38 -5.16
CA PHE A 184 3.52 -27.73 -4.39
C PHE A 184 3.86 -26.34 -4.90
N TYR A 185 2.84 -25.52 -5.11
CA TYR A 185 3.06 -24.11 -5.51
C TYR A 185 3.51 -23.33 -4.29
N ASP A 186 4.54 -22.52 -4.43
CA ASP A 186 5.02 -21.65 -3.31
C ASP A 186 4.00 -20.56 -3.01
N VAL A 187 3.38 -20.00 -4.06
CA VAL A 187 2.45 -18.85 -3.86
C VAL A 187 1.17 -19.01 -4.67
N LEU A 188 0.01 -18.67 -4.08
CA LEU A 188 -1.28 -18.64 -4.82
C LEU A 188 -1.79 -17.20 -4.71
N LEU A 189 -2.02 -16.56 -5.84
CA LEU A 189 -2.51 -15.17 -5.86
C LEU A 189 -3.99 -15.21 -6.22
N VAL A 190 -4.84 -14.59 -5.41
CA VAL A 190 -6.28 -14.63 -5.61
C VAL A 190 -6.78 -13.24 -5.98
N ASP A 191 -7.30 -13.10 -7.19
CA ASP A 191 -7.95 -11.87 -7.64
C ASP A 191 -9.44 -11.95 -7.37
N THR A 192 -10.01 -10.85 -6.90
CA THR A 192 -11.40 -10.83 -6.48
C THR A 192 -12.15 -9.70 -7.17
N ALA A 193 -13.47 -9.85 -7.21
CA ALA A 193 -14.33 -8.80 -7.73
C ALA A 193 -14.41 -7.64 -6.75
N GLY A 194 -14.52 -6.44 -7.28
CA GLY A 194 -14.71 -5.26 -6.48
C GLY A 194 -15.88 -4.44 -7.01
N ARG A 195 -16.40 -3.60 -6.14
CA ARG A 195 -17.35 -2.58 -6.56
C ARG A 195 -16.67 -1.22 -6.49
N LEU A 196 -17.25 -0.27 -7.20
CA LEU A 196 -16.71 1.08 -7.30
C LEU A 196 -16.92 1.94 -6.06
N HIS A 197 -17.91 1.65 -5.24
CA HIS A 197 -18.00 2.23 -3.90
C HIS A 197 -18.03 1.08 -2.89
N VAL A 198 -17.86 1.42 -1.62
CA VAL A 198 -17.79 0.39 -0.59
C VAL A 198 -19.17 -0.23 -0.44
N ASP A 199 -19.27 -1.53 -0.69
CA ASP A 199 -20.55 -2.23 -0.71
C ASP A 199 -20.51 -3.36 0.33
N GLU A 200 -21.54 -3.41 1.17
CA GLU A 200 -21.57 -4.40 2.25
C GLU A 200 -21.69 -5.82 1.70
N ALA A 201 -22.57 -6.03 0.72
CA ALA A 201 -22.75 -7.36 0.15
C ALA A 201 -21.45 -7.89 -0.44
N MET A 202 -20.75 -7.06 -1.23
CA MET A 202 -19.45 -7.46 -1.76
C MET A 202 -18.45 -7.66 -0.63
N MET A 203 -18.56 -6.88 0.45
CA MET A 203 -17.71 -7.09 1.61
C MET A 203 -18.04 -8.40 2.31
N ASP A 204 -19.29 -8.85 2.23
CA ASP A 204 -19.65 -10.12 2.84
C ASP A 204 -19.06 -11.29 2.06
N GLU A 205 -19.06 -11.21 0.73
CA GLU A 205 -18.51 -12.31 -0.06
C GLU A 205 -17.00 -12.39 0.06
N ILE A 206 -16.35 -11.24 0.18
CA ILE A 206 -14.86 -11.25 0.36
C ILE A 206 -14.55 -11.95 1.68
N LYS A 207 -15.39 -11.78 2.69
CA LYS A 207 -15.17 -12.41 4.01
C LYS A 207 -15.22 -13.93 3.90
N GLN A 208 -16.19 -14.46 3.15
CA GLN A 208 -16.34 -15.92 2.98
C GLN A 208 -15.15 -16.48 2.21
N VAL A 209 -14.69 -15.75 1.19
CA VAL A 209 -13.52 -16.20 0.40
C VAL A 209 -12.29 -16.23 1.32
N HIS A 210 -12.14 -15.21 2.16
CA HIS A 210 -11.00 -15.16 3.11
C HIS A 210 -11.08 -16.34 4.08
N ALA A 211 -12.28 -16.62 4.60
CA ALA A 211 -12.45 -17.72 5.57
C ALA A 211 -12.11 -19.05 4.90
N SER A 212 -12.55 -19.23 3.66
CA SER A 212 -12.32 -20.53 2.99
C SER A 212 -10.84 -20.80 2.79
N ILE A 213 -10.05 -19.79 2.40
CA ILE A 213 -8.62 -20.05 2.05
C ILE A 213 -7.65 -19.67 3.16
N ASN A 214 -8.12 -19.00 4.20
CA ASN A 214 -7.26 -18.59 5.35
C ASN A 214 -5.99 -17.95 4.83
N PRO A 215 -6.04 -16.83 4.09
CA PRO A 215 -4.85 -16.26 3.47
C PRO A 215 -3.74 -15.81 4.42
N VAL A 216 -2.49 -16.15 4.11
CA VAL A 216 -1.35 -15.65 4.91
C VAL A 216 -1.25 -14.14 4.70
N GLU A 217 -1.56 -13.71 3.48
CA GLU A 217 -1.47 -12.28 3.15
C GLU A 217 -2.79 -11.78 2.58
N THR A 218 -3.32 -10.69 3.12
CA THR A 218 -4.53 -10.05 2.54
C THR A 218 -4.09 -8.65 2.14
N LEU A 219 -4.03 -8.39 0.85
CA LEU A 219 -3.47 -7.10 0.38
C LEU A 219 -4.61 -6.19 -0.09
N PHE A 220 -4.63 -4.97 0.43
CA PHE A 220 -5.65 -4.00 -0.01
C PHE A 220 -5.05 -3.14 -1.12
N VAL A 221 -5.69 -3.15 -2.27
CA VAL A 221 -5.20 -2.38 -3.44
C VAL A 221 -6.06 -1.13 -3.55
N VAL A 222 -5.44 0.04 -3.60
CA VAL A 222 -6.20 1.32 -3.62
C VAL A 222 -5.53 2.31 -4.57
N ASP A 223 -6.32 3.20 -5.15
CA ASP A 223 -5.77 4.21 -6.09
C ASP A 223 -5.37 5.46 -5.29
N ALA A 224 -4.14 5.89 -5.43
CA ALA A 224 -3.65 7.11 -4.76
C ALA A 224 -4.41 8.32 -5.27
N MET A 225 -4.80 8.30 -6.55
CA MET A 225 -5.48 9.46 -7.16
C MET A 225 -6.82 9.72 -6.47
N THR A 226 -7.41 8.71 -5.81
CA THR A 226 -8.67 8.91 -5.05
C THR A 226 -8.43 9.89 -3.91
N GLY A 227 -7.21 9.95 -3.38
CA GLY A 227 -6.86 10.87 -2.28
C GLY A 227 -7.48 10.51 -0.94
N GLN A 228 -8.25 11.42 -0.33
CA GLN A 228 -8.80 11.21 1.03
C GLN A 228 -9.72 10.00 1.02
N ASP A 229 -10.41 9.77 -0.08
CA ASP A 229 -11.35 8.63 -0.18
C ASP A 229 -10.59 7.31 0.02
N ALA A 230 -9.31 7.27 -0.35
CA ALA A 230 -8.51 6.04 -0.21
C ALA A 230 -8.41 5.61 1.25
N ALA A 231 -8.19 6.54 2.17
CA ALA A 231 -8.11 6.24 3.61
C ALA A 231 -9.46 5.76 4.15
N ASN A 232 -10.55 6.37 3.71
CA ASN A 232 -11.89 5.95 4.16
C ASN A 232 -12.16 4.52 3.66
N THR A 233 -11.78 4.25 2.41
CA THR A 233 -11.96 2.90 1.84
C THR A 233 -11.11 1.93 2.65
N ALA A 234 -9.90 2.36 3.01
CA ALA A 234 -8.97 1.50 3.76
C ALA A 234 -9.55 1.15 5.12
N LYS A 235 -10.12 2.13 5.80
CA LYS A 235 -10.67 1.89 7.15
C LYS A 235 -11.79 0.85 7.04
N ALA A 236 -12.65 0.99 6.03
CA ALA A 236 -13.79 0.07 5.91
C ALA A 236 -13.30 -1.35 5.66
N PHE A 237 -12.32 -1.52 4.78
CA PHE A 237 -11.75 -2.85 4.49
C PHE A 237 -11.01 -3.40 5.71
N ASN A 238 -10.24 -2.56 6.40
CA ASN A 238 -9.50 -3.01 7.60
C ASN A 238 -10.51 -3.45 8.67
N GLU A 239 -11.62 -2.74 8.77
CA GLU A 239 -12.63 -3.08 9.79
C GLU A 239 -13.22 -4.47 9.51
N ALA A 240 -13.45 -4.82 8.25
CA ALA A 240 -14.13 -6.09 7.96
C ALA A 240 -13.16 -7.21 7.59
N LEU A 241 -11.90 -6.89 7.31
CA LEU A 241 -10.91 -7.91 6.88
C LEU A 241 -9.63 -7.71 7.70
N PRO A 242 -8.92 -8.78 8.09
CA PRO A 242 -7.65 -8.62 8.78
C PRO A 242 -6.56 -8.30 7.75
N LEU A 243 -6.50 -7.05 7.30
CA LEU A 243 -5.54 -6.67 6.25
C LEU A 243 -4.12 -6.88 6.78
N THR A 244 -3.25 -7.47 5.96
CA THR A 244 -1.85 -7.66 6.34
C THR A 244 -0.99 -6.61 5.64
N GLY A 245 -1.53 -5.99 4.60
CA GLY A 245 -0.73 -5.04 3.82
C GLY A 245 -1.53 -4.20 2.86
N VAL A 246 -0.90 -3.22 2.23
CA VAL A 246 -1.58 -2.30 1.33
C VAL A 246 -0.73 -2.14 0.07
N VAL A 247 -1.39 -2.05 -1.08
CA VAL A 247 -0.73 -1.77 -2.35
C VAL A 247 -1.31 -0.47 -2.89
N LEU A 248 -0.46 0.54 -3.03
CA LEU A 248 -0.87 1.86 -3.51
C LEU A 248 -0.54 1.97 -4.99
N THR A 249 -1.56 2.09 -5.82
CA THR A 249 -1.42 2.09 -7.27
C THR A 249 -1.59 3.50 -7.83
N LYS A 250 -1.24 3.63 -9.10
CA LYS A 250 -1.39 4.89 -9.84
C LYS A 250 -0.59 6.03 -9.21
N VAL A 251 0.49 5.68 -8.52
CA VAL A 251 1.38 6.70 -7.96
C VAL A 251 1.94 7.57 -9.06
N ASP A 252 2.22 6.98 -10.23
CA ASP A 252 2.79 7.72 -11.34
C ASP A 252 1.92 8.88 -11.79
N GLY A 253 0.62 8.86 -11.48
CA GLY A 253 -0.30 9.90 -11.87
C GLY A 253 -0.85 10.77 -10.75
N ASP A 254 -0.38 10.59 -9.52
CA ASP A 254 -0.81 11.42 -8.40
C ASP A 254 0.25 12.49 -8.15
N ALA A 255 -0.05 13.72 -8.53
CA ALA A 255 0.86 14.83 -8.25
C ALA A 255 0.86 15.19 -6.77
N ARG A 256 -0.25 14.93 -6.08
CA ARG A 256 -0.36 15.30 -4.67
C ARG A 256 0.58 14.46 -3.81
N GLY A 257 0.37 13.15 -3.78
CA GLY A 257 1.36 12.24 -3.24
C GLY A 257 1.30 11.95 -1.75
N GLY A 258 0.12 12.05 -1.13
CA GLY A 258 0.06 11.80 0.29
C GLY A 258 -0.98 10.79 0.73
N ALA A 259 -1.51 10.03 -0.23
CA ALA A 259 -2.34 8.89 0.13
C ALA A 259 -1.55 7.91 0.98
N ALA A 260 -0.24 7.81 0.75
CA ALA A 260 0.60 6.90 1.52
C ALA A 260 0.53 7.20 3.01
N LEU A 261 0.87 8.43 3.39
CA LEU A 261 0.88 8.79 4.82
C LEU A 261 -0.47 8.54 5.45
N SER A 262 -1.54 8.85 4.73
CA SER A 262 -2.88 8.72 5.30
C SER A 262 -3.20 7.27 5.64
N ILE A 263 -2.96 6.35 4.70
CA ILE A 263 -3.46 4.98 4.84
C ILE A 263 -2.82 4.29 6.04
N ARG A 264 -1.50 4.40 6.19
CA ARG A 264 -0.84 3.77 7.33
C ARG A 264 -1.36 4.32 8.65
N HIS A 265 -1.70 5.61 8.68
CA HIS A 265 -2.26 6.19 9.89
C HIS A 265 -3.65 5.65 10.18
N ILE A 266 -4.51 5.61 9.15
CA ILE A 266 -5.90 5.22 9.38
C ILE A 266 -6.02 3.73 9.67
N THR A 267 -5.22 2.91 8.98
CA THR A 267 -5.31 1.45 9.14
C THR A 267 -4.32 0.89 10.14
N GLY A 268 -3.15 1.51 10.29
CA GLY A 268 -2.08 0.87 11.02
C GLY A 268 -1.40 -0.25 10.28
N LYS A 269 -1.77 -0.47 9.01
CA LYS A 269 -1.18 -1.52 8.20
C LYS A 269 -0.18 -0.93 7.21
N PRO A 270 0.94 -1.60 6.98
CA PRO A 270 1.98 -1.01 6.12
C PRO A 270 1.60 -1.02 4.66
N ILE A 271 2.12 -0.03 3.94
CA ILE A 271 2.16 -0.09 2.48
C ILE A 271 3.32 -1.00 2.11
N LYS A 272 3.02 -2.12 1.45
CA LYS A 272 4.08 -3.02 1.07
C LYS A 272 4.61 -2.77 -0.34
N PHE A 273 3.75 -2.32 -1.26
CA PHE A 273 4.17 -2.10 -2.63
C PHE A 273 3.54 -0.81 -3.16
N LEU A 274 4.18 -0.28 -4.20
CA LEU A 274 3.68 0.88 -4.94
C LEU A 274 3.54 0.49 -6.40
N GLY A 275 2.38 0.79 -6.98
CA GLY A 275 2.20 0.65 -8.41
C GLY A 275 2.51 1.96 -9.11
N VAL A 276 3.52 1.97 -9.97
CA VAL A 276 4.00 3.22 -10.56
C VAL A 276 3.79 3.23 -12.07
N GLY A 277 2.82 2.48 -12.55
CA GLY A 277 2.56 2.47 -13.97
C GLY A 277 1.71 1.29 -14.39
N GLU A 278 1.40 1.28 -15.68
CA GLU A 278 0.45 0.33 -16.25
C GLU A 278 1.10 -1.00 -16.58
N LYS A 279 2.41 -1.00 -16.85
CA LYS A 279 3.11 -2.19 -17.30
C LYS A 279 3.36 -3.15 -16.14
N THR A 280 3.70 -4.40 -16.50
CA THR A 280 3.85 -5.45 -15.51
C THR A 280 5.04 -5.21 -14.58
N GLU A 281 6.09 -4.55 -15.08
CA GLU A 281 7.26 -4.30 -14.25
C GLU A 281 7.10 -3.10 -13.33
N ALA A 282 6.02 -2.32 -13.49
CA ALA A 282 5.84 -1.10 -12.72
C ALA A 282 5.39 -1.39 -11.29
N LEU A 283 6.14 -2.22 -10.59
CA LEU A 283 5.94 -2.49 -9.17
C LEU A 283 7.22 -2.14 -8.44
N GLU A 284 7.10 -1.42 -7.33
CA GLU A 284 8.30 -1.13 -6.55
C GLU A 284 8.01 -1.33 -5.06
N PRO A 285 8.89 -2.05 -4.36
CA PRO A 285 8.67 -2.28 -2.93
C PRO A 285 8.79 -0.99 -2.14
N PHE A 286 7.88 -0.81 -1.19
CA PHE A 286 7.79 0.44 -0.46
C PHE A 286 8.85 0.49 0.63
N HIS A 287 9.67 1.54 0.59
CA HIS A 287 10.72 1.77 1.59
C HIS A 287 10.47 3.11 2.26
N PRO A 288 9.86 3.14 3.44
CA PRO A 288 9.58 4.43 4.11
C PRO A 288 10.77 5.37 4.19
N ASP A 289 11.98 4.85 4.41
CA ASP A 289 13.14 5.72 4.58
C ASP A 289 13.60 6.30 3.24
N ARG A 290 13.49 5.53 2.15
CA ARG A 290 13.72 6.09 0.82
C ARG A 290 12.76 7.24 0.55
N ILE A 291 11.45 6.94 0.57
CA ILE A 291 10.44 7.89 0.16
C ILE A 291 10.51 9.15 1.02
N ALA A 292 10.72 8.99 2.33
CA ALA A 292 10.81 10.15 3.22
C ALA A 292 11.94 11.08 2.79
N SER A 293 13.08 10.53 2.38
CA SER A 293 14.19 11.36 1.95
C SER A 293 13.91 12.03 0.62
N ARG A 294 13.12 11.38 -0.25
CA ARG A 294 12.83 11.96 -1.56
C ARG A 294 12.04 13.26 -1.43
N ILE A 295 11.15 13.34 -0.45
CA ILE A 295 10.33 14.52 -0.27
C ILE A 295 10.77 15.31 0.96
#